data_3DUW
#
_entry.id   3DUW
#
_cell.length_a   66.600
_cell.length_b   74.300
_cell.length_c   90.600
_cell.angle_alpha   90.00
_cell.angle_beta   90.00
_cell.angle_gamma   90.00
#
_symmetry.space_group_name_H-M   'P 21 21 21'
#
loop_
_entity.id
_entity.type
_entity.pdbx_description
1 polymer 'O-methyltransferase, putative'
2 non-polymer S-ADENOSYL-L-HOMOCYSTEINE
3 water water
#
_entity_poly.entity_id   1
_entity_poly.type   'polypeptide(L)'
_entity_poly.pdbx_seq_one_letter_code
;(MSE)S(MSE)IETWTAVDQYVSDVLIPKDSTLEEVLQVNAAANLPAHDVSPTQGKFLQLLVQIQGARNILEIGTLGGYS
TIWLARGLSSGGRVVTLEASEKHADIARSNIERANLNDRVEVRTGLALDSLQQIENEKYEPFDFIFIDADKQNNPAYFEW
ALKLSRPGTVIIGDNVVREGEVIDNTSNDPRVQGIRRFYELIAAEPRVSATALQTVGSKGYDGFI(MSE)AVVKE
;
_entity_poly.pdbx_strand_id   A,B
#
loop_
_chem_comp.id
_chem_comp.type
_chem_comp.name
_chem_comp.formula
SAH non-polymer S-ADENOSYL-L-HOMOCYSTEINE 'C14 H20 N6 O5 S'
#
# COMPACT_ATOMS: atom_id res chain seq x y z
N MSE A 3 -1.04 18.43 -14.06
CA MSE A 3 -1.35 17.18 -14.82
C MSE A 3 -0.24 16.14 -14.61
O MSE A 3 0.27 15.98 -13.50
CB MSE A 3 -1.47 17.50 -16.32
CG MSE A 3 -1.98 18.89 -16.65
SE MSE A 3 -3.70 19.33 -15.87
CE MSE A 3 -3.10 20.53 -14.47
N ILE A 4 0.13 15.47 -15.69
CA ILE A 4 1.18 14.47 -15.65
C ILE A 4 2.50 15.11 -15.24
N GLU A 5 2.67 16.39 -15.59
CA GLU A 5 3.91 17.10 -15.24
C GLU A 5 4.06 17.19 -13.73
N THR A 6 2.96 17.51 -13.04
CA THR A 6 2.99 17.62 -11.59
C THR A 6 3.20 16.25 -10.95
N TRP A 7 2.46 15.24 -11.41
CA TRP A 7 2.61 13.90 -10.86
C TRP A 7 4.03 13.40 -11.04
N THR A 8 4.62 13.70 -12.18
CA THR A 8 5.99 13.27 -12.46
C THR A 8 6.98 13.98 -11.54
N ALA A 9 6.78 15.28 -11.35
CA ALA A 9 7.66 16.07 -10.49
C ALA A 9 7.57 15.60 -9.04
N VAL A 10 6.37 15.26 -8.59
CA VAL A 10 6.21 14.79 -7.22
C VAL A 10 6.90 13.43 -7.06
N ASP A 11 6.75 12.55 -8.05
CA ASP A 11 7.40 11.25 -7.97
C ASP A 11 8.92 11.40 -7.97
N GLN A 12 9.42 12.40 -8.71
CA GLN A 12 10.86 12.65 -8.77
C GLN A 12 11.34 13.07 -7.39
N TYR A 13 10.55 13.91 -6.71
CA TYR A 13 10.88 14.36 -5.37
C TYR A 13 10.92 13.17 -4.42
N VAL A 14 9.85 12.38 -4.42
CA VAL A 14 9.74 11.21 -3.56
C VAL A 14 10.92 10.27 -3.75
N SER A 15 11.23 9.96 -5.01
CA SER A 15 12.34 9.06 -5.31
C SER A 15 13.68 9.66 -4.89
N ASP A 16 13.89 10.93 -5.20
CA ASP A 16 15.15 11.59 -4.84
C ASP A 16 15.42 11.53 -3.35
N VAL A 17 14.41 11.78 -2.55
CA VAL A 17 14.60 11.79 -1.10
C VAL A 17 14.54 10.41 -0.43
N LEU A 18 13.60 9.57 -0.83
CA LEU A 18 13.42 8.27 -0.19
C LEU A 18 14.11 7.05 -0.81
N ILE A 19 14.57 7.18 -2.04
CA ILE A 19 15.19 6.04 -2.70
C ILE A 19 16.62 6.35 -3.15
N PRO A 20 17.62 5.86 -2.39
CA PRO A 20 19.02 6.12 -2.73
C PRO A 20 19.34 5.66 -4.15
N LYS A 21 20.25 6.38 -4.80
CA LYS A 21 20.66 6.06 -6.16
C LYS A 21 21.09 4.60 -6.21
N ASP A 22 20.70 3.91 -7.29
CA ASP A 22 21.04 2.50 -7.46
C ASP A 22 21.51 2.26 -8.89
N SER A 23 22.83 2.22 -9.08
CA SER A 23 23.39 2.02 -10.42
C SER A 23 22.95 0.71 -11.05
N THR A 24 22.73 -0.31 -10.23
CA THR A 24 22.30 -1.60 -10.73
C THR A 24 20.94 -1.50 -11.42
N LEU A 25 19.98 -0.86 -10.74
CA LEU A 25 18.66 -0.71 -11.31
C LEU A 25 18.66 0.25 -12.49
N GLU A 26 19.57 1.22 -12.49
CA GLU A 26 19.68 2.16 -13.59
C GLU A 26 20.10 1.37 -14.83
N GLU A 27 21.06 0.47 -14.66
CA GLU A 27 21.53 -0.35 -15.77
C GLU A 27 20.40 -1.21 -16.30
N VAL A 28 19.62 -1.80 -15.39
CA VAL A 28 18.50 -2.64 -15.78
C VAL A 28 17.56 -1.90 -16.72
N LEU A 29 17.15 -0.69 -16.35
CA LEU A 29 16.24 0.07 -17.18
C LEU A 29 16.89 0.50 -18.50
N GLN A 30 18.19 0.78 -18.47
CA GLN A 30 18.91 1.17 -19.69
C GLN A 30 18.97 -0.01 -20.66
N VAL A 31 19.22 -1.20 -20.14
CA VAL A 31 19.29 -2.39 -20.98
C VAL A 31 17.89 -2.69 -21.55
N ASN A 32 16.86 -2.58 -20.72
CA ASN A 32 15.50 -2.83 -21.19
C ASN A 32 15.19 -1.91 -22.38
N ALA A 33 15.52 -0.63 -22.23
CA ALA A 33 15.28 0.35 -23.27
C ALA A 33 16.10 0.08 -24.54
N ALA A 34 17.37 -0.25 -24.36
CA ALA A 34 18.23 -0.53 -25.50
C ALA A 34 17.68 -1.71 -26.28
N ALA A 35 17.04 -2.64 -25.57
CA ALA A 35 16.45 -3.83 -26.18
C ALA A 35 15.05 -3.54 -26.71
N ASN A 36 14.66 -2.27 -26.63
CA ASN A 36 13.37 -1.81 -27.10
C ASN A 36 12.16 -2.41 -26.37
N LEU A 37 12.36 -2.84 -25.13
CA LEU A 37 11.25 -3.38 -24.36
C LEU A 37 10.34 -2.20 -24.04
N PRO A 38 9.03 -2.42 -23.94
CA PRO A 38 8.12 -1.32 -23.61
C PRO A 38 8.43 -0.80 -22.21
N ALA A 39 8.19 0.48 -21.97
CA ALA A 39 8.44 1.08 -20.67
C ALA A 39 7.25 0.75 -19.75
N HIS A 40 7.03 -0.53 -19.51
CA HIS A 40 5.93 -0.97 -18.67
C HIS A 40 6.37 -1.45 -17.28
N ASP A 41 7.63 -1.20 -16.93
CA ASP A 41 8.12 -1.61 -15.62
C ASP A 41 7.39 -0.80 -14.55
N VAL A 42 7.28 -1.35 -13.34
CA VAL A 42 6.66 -0.57 -12.28
C VAL A 42 7.60 0.62 -12.07
N SER A 43 7.07 1.72 -11.54
CA SER A 43 7.88 2.90 -11.27
C SER A 43 8.77 2.58 -10.07
N PRO A 44 9.79 3.41 -9.83
CA PRO A 44 10.66 3.14 -8.68
C PRO A 44 9.92 3.14 -7.35
N THR A 45 8.99 4.07 -7.16
CA THR A 45 8.25 4.15 -5.91
C THR A 45 7.30 2.96 -5.76
N GLN A 46 6.76 2.47 -6.87
CA GLN A 46 5.90 1.31 -6.84
C GLN A 46 6.75 0.07 -6.54
N GLY A 47 7.94 0.01 -7.13
CA GLY A 47 8.82 -1.11 -6.87
C GLY A 47 9.19 -1.17 -5.40
N LYS A 48 9.50 -0.02 -4.81
CA LYS A 48 9.86 -0.02 -3.40
C LYS A 48 8.66 -0.38 -2.54
N PHE A 49 7.47 0.01 -2.98
CA PHE A 49 6.26 -0.33 -2.25
C PHE A 49 6.17 -1.86 -2.20
N LEU A 50 6.41 -2.52 -3.33
CA LEU A 50 6.36 -3.97 -3.37
C LEU A 50 7.42 -4.59 -2.46
N GLN A 51 8.64 -4.07 -2.53
CA GLN A 51 9.71 -4.59 -1.69
C GLN A 51 9.34 -4.49 -0.22
N LEU A 52 8.85 -3.32 0.19
CA LEU A 52 8.48 -3.12 1.58
C LEU A 52 7.32 -4.01 2.00
N LEU A 53 6.34 -4.22 1.12
CA LEU A 53 5.22 -5.06 1.47
C LEU A 53 5.70 -6.50 1.67
N VAL A 54 6.64 -6.93 0.84
CA VAL A 54 7.20 -8.27 0.96
C VAL A 54 7.88 -8.40 2.33
N GLN A 55 8.61 -7.36 2.74
CA GLN A 55 9.30 -7.39 4.03
C GLN A 55 8.31 -7.37 5.18
N ILE A 56 7.24 -6.59 5.05
CA ILE A 56 6.22 -6.49 6.09
C ILE A 56 5.56 -7.84 6.29
N GLN A 57 5.25 -8.53 5.20
CA GLN A 57 4.62 -9.84 5.32
C GLN A 57 5.64 -10.90 5.71
N GLY A 58 6.90 -10.67 5.39
CA GLY A 58 7.93 -11.64 5.70
C GLY A 58 7.77 -12.80 4.73
N ALA A 59 7.40 -12.47 3.49
CA ALA A 59 7.18 -13.48 2.45
C ALA A 59 8.45 -14.26 2.18
N ARG A 60 8.28 -15.55 1.89
CA ARG A 60 9.40 -16.43 1.62
C ARG A 60 9.27 -17.11 0.26
N ASN A 61 8.06 -17.09 -0.29
CA ASN A 61 7.83 -17.73 -1.59
C ASN A 61 6.93 -16.84 -2.44
N ILE A 62 7.55 -16.12 -3.37
CA ILE A 62 6.86 -15.17 -4.23
C ILE A 62 6.60 -15.66 -5.65
N LEU A 63 5.39 -15.38 -6.15
CA LEU A 63 5.01 -15.74 -7.50
C LEU A 63 4.69 -14.44 -8.23
N GLU A 64 5.36 -14.21 -9.36
CA GLU A 64 5.13 -13.02 -10.16
C GLU A 64 4.68 -13.45 -11.55
N ILE A 65 3.65 -12.80 -12.07
CA ILE A 65 3.14 -13.09 -13.40
C ILE A 65 3.38 -11.83 -14.23
N GLY A 66 4.34 -11.92 -15.16
CA GLY A 66 4.69 -10.79 -16.00
C GLY A 66 6.05 -10.26 -15.57
N THR A 67 7.12 -10.73 -16.21
CA THR A 67 8.49 -10.33 -15.84
C THR A 67 9.09 -9.15 -16.60
N LEU A 68 8.79 -9.01 -17.90
CA LEU A 68 9.38 -7.95 -18.73
C LEU A 68 10.91 -8.05 -18.66
N GLY A 69 11.54 -7.10 -17.99
CA GLY A 69 12.99 -7.12 -17.88
C GLY A 69 13.47 -7.46 -16.48
N GLY A 70 12.54 -7.81 -15.59
CA GLY A 70 12.89 -8.18 -14.23
C GLY A 70 13.05 -7.02 -13.26
N TYR A 71 12.61 -5.83 -13.65
CA TYR A 71 12.72 -4.67 -12.77
C TYR A 71 11.90 -4.89 -11.49
N SER A 72 10.61 -5.20 -11.61
CA SER A 72 9.81 -5.45 -10.42
C SER A 72 10.35 -6.67 -9.68
N THR A 73 10.80 -7.66 -10.44
CA THR A 73 11.33 -8.90 -9.87
C THR A 73 12.46 -8.63 -8.90
N ILE A 74 13.36 -7.72 -9.28
CA ILE A 74 14.48 -7.37 -8.42
C ILE A 74 14.01 -6.70 -7.14
N TRP A 75 13.04 -5.79 -7.24
CA TRP A 75 12.50 -5.14 -6.05
C TRP A 75 11.90 -6.18 -5.12
N LEU A 76 11.15 -7.12 -5.69
CA LEU A 76 10.51 -8.18 -4.91
C LEU A 76 11.54 -9.08 -4.25
N ALA A 77 12.52 -9.52 -5.03
CA ALA A 77 13.56 -10.41 -4.51
C ALA A 77 14.36 -9.76 -3.40
N ARG A 78 14.58 -8.46 -3.50
CA ARG A 78 15.35 -7.76 -2.48
C ARG A 78 14.60 -7.64 -1.16
N GLY A 79 13.31 -8.01 -1.17
CA GLY A 79 12.53 -7.95 0.05
C GLY A 79 12.61 -9.25 0.83
N LEU A 80 13.19 -10.28 0.21
CA LEU A 80 13.35 -11.59 0.85
C LEU A 80 14.56 -11.61 1.80
N SER A 81 14.62 -12.64 2.65
CA SER A 81 15.73 -12.75 3.61
C SER A 81 16.42 -14.12 3.67
N SER A 82 15.81 -15.06 4.40
CA SER A 82 16.37 -16.40 4.56
C SER A 82 16.61 -17.10 3.22
N GLY A 83 15.89 -18.21 3.01
CA GLY A 83 16.02 -18.94 1.77
C GLY A 83 14.83 -18.62 0.90
N GLY A 84 14.43 -17.34 0.92
CA GLY A 84 13.28 -16.92 0.13
C GLY A 84 13.51 -17.08 -1.35
N ARG A 85 12.43 -17.21 -2.10
CA ARG A 85 12.55 -17.38 -3.53
C ARG A 85 11.43 -16.67 -4.30
N VAL A 86 11.71 -16.40 -5.57
CA VAL A 86 10.76 -15.76 -6.46
C VAL A 86 10.68 -16.60 -7.73
N VAL A 87 9.46 -16.86 -8.17
CA VAL A 87 9.23 -17.59 -9.41
C VAL A 87 8.44 -16.58 -10.25
N THR A 88 8.99 -16.20 -11.39
CA THR A 88 8.33 -15.23 -12.25
C THR A 88 8.07 -15.82 -13.64
N LEU A 89 6.90 -15.50 -14.19
CA LEU A 89 6.47 -16.03 -15.48
C LEU A 89 6.49 -14.99 -16.60
N GLU A 90 7.11 -15.35 -17.72
CA GLU A 90 7.22 -14.46 -18.87
C GLU A 90 7.00 -15.19 -20.19
N ALA A 91 6.09 -14.68 -21.01
CA ALA A 91 5.76 -15.30 -22.28
C ALA A 91 6.80 -15.08 -23.39
N SER A 92 7.43 -13.91 -23.41
CA SER A 92 8.42 -13.59 -24.43
C SER A 92 9.79 -14.17 -24.11
N GLU A 93 10.32 -14.98 -25.04
CA GLU A 93 11.63 -15.58 -24.85
C GLU A 93 12.66 -14.47 -24.70
N LYS A 94 12.53 -13.43 -25.52
CA LYS A 94 13.46 -12.30 -25.47
C LYS A 94 13.36 -11.60 -24.11
N HIS A 95 12.14 -11.27 -23.69
CA HIS A 95 11.98 -10.61 -22.39
C HIS A 95 12.59 -11.47 -21.28
N ALA A 96 12.25 -12.75 -21.29
CA ALA A 96 12.74 -13.66 -20.26
C ALA A 96 14.25 -13.70 -20.16
N ASP A 97 14.93 -13.77 -21.30
CA ASP A 97 16.39 -13.82 -21.26
C ASP A 97 17.00 -12.50 -20.81
N ILE A 98 16.36 -11.40 -21.16
CA ILE A 98 16.86 -10.09 -20.74
C ILE A 98 16.65 -10.01 -19.23
N ALA A 99 15.51 -10.49 -18.75
CA ALA A 99 15.21 -10.48 -17.32
C ALA A 99 16.25 -11.33 -16.56
N ARG A 100 16.52 -12.53 -17.05
CA ARG A 100 17.51 -13.39 -16.40
C ARG A 100 18.85 -12.68 -16.32
N SER A 101 19.19 -11.96 -17.39
CA SER A 101 20.45 -11.23 -17.45
C SER A 101 20.48 -10.10 -16.43
N ASN A 102 19.38 -9.36 -16.32
CA ASN A 102 19.30 -8.26 -15.37
C ASN A 102 19.32 -8.80 -13.95
N ILE A 103 18.59 -9.89 -13.72
CA ILE A 103 18.54 -10.50 -12.40
C ILE A 103 19.93 -11.00 -12.00
N GLU A 104 20.67 -11.52 -12.98
CA GLU A 104 22.01 -12.02 -12.72
C GLU A 104 22.96 -10.87 -12.38
N ARG A 105 22.83 -9.76 -13.11
CA ARG A 105 23.68 -8.60 -12.87
C ARG A 105 23.41 -8.03 -11.49
N ALA A 106 22.19 -8.26 -10.99
CA ALA A 106 21.80 -7.78 -9.67
C ALA A 106 22.16 -8.81 -8.60
N ASN A 107 22.82 -9.89 -9.02
CA ASN A 107 23.25 -10.97 -8.13
C ASN A 107 22.08 -11.59 -7.36
N LEU A 108 21.00 -11.91 -8.07
CA LEU A 108 19.83 -12.50 -7.44
C LEU A 108 19.37 -13.79 -8.12
N ASN A 109 20.15 -14.28 -9.06
CA ASN A 109 19.79 -15.51 -9.76
C ASN A 109 19.62 -16.69 -8.81
N ASP A 110 20.24 -16.60 -7.63
CA ASP A 110 20.13 -17.66 -6.65
C ASP A 110 18.77 -17.64 -5.95
N ARG A 111 18.09 -16.50 -6.03
CA ARG A 111 16.78 -16.33 -5.40
C ARG A 111 15.62 -16.29 -6.41
N VAL A 112 15.95 -16.14 -7.69
CA VAL A 112 14.91 -16.02 -8.70
C VAL A 112 14.95 -17.03 -9.84
N GLU A 113 13.76 -17.54 -10.17
CA GLU A 113 13.60 -18.48 -11.27
C GLU A 113 12.65 -17.82 -12.28
N VAL A 114 13.14 -17.64 -13.50
CA VAL A 114 12.33 -17.06 -14.56
C VAL A 114 11.88 -18.22 -15.45
N ARG A 115 10.57 -18.42 -15.56
CA ARG A 115 10.05 -19.50 -16.39
C ARG A 115 9.43 -18.93 -17.66
N THR A 116 9.95 -19.35 -18.80
CA THR A 116 9.46 -18.87 -20.09
C THR A 116 8.24 -19.65 -20.55
N GLY A 117 7.24 -18.92 -21.08
CA GLY A 117 6.04 -19.54 -21.57
C GLY A 117 4.79 -18.80 -21.18
N LEU A 118 3.66 -19.17 -21.76
CA LEU A 118 2.40 -18.54 -21.42
C LEU A 118 2.13 -18.85 -19.94
N ALA A 119 1.81 -17.82 -19.17
CA ALA A 119 1.56 -17.99 -17.75
C ALA A 119 0.59 -19.13 -17.41
N LEU A 120 -0.51 -19.23 -18.14
CA LEU A 120 -1.47 -20.30 -17.85
C LEU A 120 -0.85 -21.69 -17.96
N ASP A 121 0.07 -21.87 -18.91
CA ASP A 121 0.73 -23.16 -19.06
C ASP A 121 1.71 -23.40 -17.92
N SER A 122 2.48 -22.38 -17.58
CA SER A 122 3.46 -22.49 -16.50
C SER A 122 2.80 -22.70 -15.15
N LEU A 123 1.65 -22.07 -14.92
CA LEU A 123 0.96 -22.21 -13.65
C LEU A 123 0.52 -23.66 -13.42
N GLN A 124 0.10 -24.32 -14.49
CA GLN A 124 -0.32 -25.71 -14.39
C GLN A 124 0.89 -26.58 -14.06
N GLN A 125 2.02 -26.24 -14.67
CA GLN A 125 3.27 -26.97 -14.41
C GLN A 125 3.70 -26.80 -12.97
N ILE A 126 3.58 -25.57 -12.47
CA ILE A 126 3.96 -25.27 -11.09
C ILE A 126 3.14 -26.10 -10.12
N GLU A 127 1.85 -26.27 -10.40
CA GLU A 127 0.99 -27.09 -9.54
C GLU A 127 1.43 -28.54 -9.64
N ASN A 128 1.65 -29.00 -10.87
CA ASN A 128 2.09 -30.37 -11.12
C ASN A 128 3.36 -30.65 -10.34
N GLU A 129 4.28 -29.68 -10.38
CA GLU A 129 5.52 -29.80 -9.65
C GLU A 129 5.18 -29.58 -8.17
N LYS A 130 6.08 -29.93 -7.27
CA LYS A 130 5.79 -29.77 -5.84
C LYS A 130 6.14 -28.43 -5.21
N TYR A 131 5.73 -27.34 -5.85
CA TYR A 131 6.02 -26.02 -5.30
C TYR A 131 5.21 -25.79 -4.03
N GLU A 132 5.82 -25.14 -3.05
CA GLU A 132 5.14 -24.84 -1.81
C GLU A 132 4.17 -23.70 -2.13
N PRO A 133 3.16 -23.48 -1.27
CA PRO A 133 2.22 -22.39 -1.53
C PRO A 133 2.97 -21.06 -1.57
N PHE A 134 2.49 -20.14 -2.38
CA PHE A 134 3.10 -18.82 -2.49
C PHE A 134 2.48 -17.87 -1.48
N ASP A 135 3.32 -17.15 -0.75
CA ASP A 135 2.87 -16.22 0.28
C ASP A 135 2.59 -14.82 -0.26
N PHE A 136 3.12 -14.51 -1.45
CA PHE A 136 2.95 -13.19 -2.04
C PHE A 136 2.87 -13.39 -3.55
N ILE A 137 1.82 -12.86 -4.17
CA ILE A 137 1.62 -13.01 -5.61
C ILE A 137 1.39 -11.66 -6.29
N PHE A 138 2.21 -11.36 -7.30
CA PHE A 138 2.12 -10.10 -8.04
C PHE A 138 1.63 -10.40 -9.45
N ILE A 139 0.43 -9.93 -9.77
CA ILE A 139 -0.17 -10.15 -11.08
C ILE A 139 0.07 -8.90 -11.91
N ASP A 140 0.95 -9.01 -12.90
CA ASP A 140 1.32 -7.87 -13.72
C ASP A 140 1.69 -8.28 -15.15
N ALA A 141 0.84 -9.06 -15.79
CA ALA A 141 1.08 -9.50 -17.15
C ALA A 141 0.01 -8.96 -18.09
N ASP A 142 -0.63 -9.84 -18.86
CA ASP A 142 -1.70 -9.42 -19.76
C ASP A 142 -2.96 -9.37 -18.91
N LYS A 143 -3.44 -8.15 -18.67
CA LYS A 143 -4.59 -7.96 -17.80
C LYS A 143 -5.89 -8.61 -18.29
N GLN A 144 -5.98 -8.92 -19.58
CA GLN A 144 -7.19 -9.57 -20.06
C GLN A 144 -7.34 -10.94 -19.40
N ASN A 145 -6.23 -11.49 -18.91
CA ASN A 145 -6.26 -12.80 -18.25
C ASN A 145 -6.27 -12.75 -16.73
N ASN A 146 -6.47 -11.57 -16.16
CA ASN A 146 -6.50 -11.46 -14.71
C ASN A 146 -7.50 -12.40 -14.04
N PRO A 147 -8.67 -12.64 -14.66
CA PRO A 147 -9.62 -13.56 -14.00
C PRO A 147 -8.99 -14.93 -13.78
N ALA A 148 -8.37 -15.47 -14.81
CA ALA A 148 -7.72 -16.77 -14.72
C ALA A 148 -6.53 -16.74 -13.79
N TYR A 149 -5.74 -15.67 -13.83
CA TYR A 149 -4.57 -15.58 -12.96
C TYR A 149 -5.00 -15.49 -11.50
N PHE A 150 -6.13 -14.82 -11.24
CA PHE A 150 -6.63 -14.70 -9.88
C PHE A 150 -7.03 -16.08 -9.36
N GLU A 151 -7.71 -16.86 -10.21
CA GLU A 151 -8.12 -18.20 -9.79
C GLU A 151 -6.90 -19.06 -9.51
N TRP A 152 -5.86 -18.93 -10.33
CA TRP A 152 -4.63 -19.70 -10.11
C TRP A 152 -3.94 -19.22 -8.85
N ALA A 153 -3.97 -17.91 -8.60
CA ALA A 153 -3.34 -17.35 -7.42
C ALA A 153 -3.98 -17.95 -6.17
N LEU A 154 -5.31 -17.99 -6.16
CA LEU A 154 -6.05 -18.54 -5.03
C LEU A 154 -5.68 -20.02 -4.85
N LYS A 155 -5.62 -20.73 -5.97
CA LYS A 155 -5.30 -22.15 -5.98
C LYS A 155 -3.91 -22.45 -5.43
N LEU A 156 -2.95 -21.57 -5.72
CA LEU A 156 -1.58 -21.75 -5.27
C LEU A 156 -1.22 -20.96 -4.02
N SER A 157 -2.24 -20.44 -3.33
CA SER A 157 -2.01 -19.65 -2.13
C SER A 157 -2.15 -20.44 -0.83
N ARG A 158 -2.02 -19.72 0.28
CA ARG A 158 -2.16 -20.27 1.61
C ARG A 158 -2.88 -19.19 2.40
N PRO A 159 -3.51 -19.53 3.53
CA PRO A 159 -4.20 -18.49 4.30
C PRO A 159 -3.17 -17.41 4.65
N GLY A 160 -3.49 -16.16 4.37
CA GLY A 160 -2.57 -15.08 4.66
C GLY A 160 -1.83 -14.58 3.44
N THR A 161 -1.93 -15.29 2.33
CA THR A 161 -1.26 -14.88 1.10
C THR A 161 -1.71 -13.49 0.66
N VAL A 162 -0.76 -12.68 0.23
CA VAL A 162 -1.04 -11.34 -0.25
C VAL A 162 -1.02 -11.37 -1.78
N ILE A 163 -2.01 -10.74 -2.40
CA ILE A 163 -2.09 -10.67 -3.85
C ILE A 163 -2.14 -9.21 -4.26
N ILE A 164 -1.23 -8.79 -5.13
CA ILE A 164 -1.23 -7.43 -5.63
C ILE A 164 -1.50 -7.50 -7.12
N GLY A 165 -2.50 -6.76 -7.58
CA GLY A 165 -2.81 -6.71 -9.00
C GLY A 165 -2.54 -5.30 -9.47
N ASP A 166 -1.58 -5.13 -10.37
CA ASP A 166 -1.21 -3.82 -10.87
C ASP A 166 -2.05 -3.40 -12.08
N ASN A 167 -2.08 -2.10 -12.32
CA ASN A 167 -2.77 -1.51 -13.47
C ASN A 167 -4.25 -1.86 -13.56
N VAL A 168 -4.97 -1.63 -12.46
CA VAL A 168 -6.39 -1.96 -12.43
C VAL A 168 -7.33 -0.76 -12.41
N VAL A 169 -6.83 0.41 -12.81
CA VAL A 169 -7.65 1.62 -12.88
C VAL A 169 -7.61 2.15 -14.31
N ARG A 170 -6.41 2.09 -14.90
CA ARG A 170 -6.18 2.46 -16.29
C ARG A 170 -6.82 3.77 -16.75
N GLU A 171 -6.33 4.87 -16.18
CA GLU A 171 -6.79 6.21 -16.50
C GLU A 171 -8.28 6.42 -16.25
N GLY A 172 -8.84 5.61 -15.35
CA GLY A 172 -10.25 5.72 -15.01
C GLY A 172 -11.20 4.94 -15.89
N GLU A 173 -10.68 4.27 -16.91
CA GLU A 173 -11.52 3.49 -17.82
C GLU A 173 -12.15 2.26 -17.18
N VAL A 174 -11.64 1.87 -16.02
CA VAL A 174 -12.16 0.70 -15.32
C VAL A 174 -13.67 0.79 -15.04
N ILE A 175 -14.22 2.00 -14.98
CA ILE A 175 -15.64 2.16 -14.70
C ILE A 175 -16.52 2.07 -15.94
N ASP A 176 -15.91 1.96 -17.11
CA ASP A 176 -16.67 1.86 -18.35
C ASP A 176 -16.98 0.41 -18.73
N ASN A 177 -18.19 -0.04 -18.41
CA ASN A 177 -18.60 -1.41 -18.71
C ASN A 177 -18.65 -1.70 -20.21
N THR A 178 -18.76 -0.66 -21.02
CA THR A 178 -18.85 -0.83 -22.47
C THR A 178 -17.50 -0.70 -23.18
N SER A 179 -16.42 -0.59 -22.42
CA SER A 179 -15.09 -0.45 -22.99
C SER A 179 -14.74 -1.53 -24.01
N ASN A 180 -14.16 -1.10 -25.13
CA ASN A 180 -13.75 -2.00 -26.20
C ASN A 180 -12.32 -2.51 -25.95
N ASP A 181 -11.76 -2.14 -24.81
CA ASP A 181 -10.40 -2.55 -24.45
C ASP A 181 -10.46 -3.87 -23.66
N PRO A 182 -9.92 -4.96 -24.23
CA PRO A 182 -9.97 -6.24 -23.53
C PRO A 182 -9.26 -6.22 -22.17
N ARG A 183 -8.31 -5.31 -21.99
CA ARG A 183 -7.59 -5.19 -20.73
C ARG A 183 -8.51 -4.59 -19.67
N VAL A 184 -9.36 -3.65 -20.09
CA VAL A 184 -10.31 -3.02 -19.17
C VAL A 184 -11.36 -4.06 -18.76
N GLN A 185 -11.84 -4.84 -19.73
CA GLN A 185 -12.84 -5.86 -19.42
C GLN A 185 -12.22 -6.90 -18.49
N GLY A 186 -10.97 -7.28 -18.76
CA GLY A 186 -10.30 -8.25 -17.91
C GLY A 186 -10.19 -7.78 -16.47
N ILE A 187 -9.87 -6.50 -16.27
CA ILE A 187 -9.75 -5.98 -14.92
C ILE A 187 -11.11 -5.93 -14.23
N ARG A 188 -12.16 -5.59 -14.98
CA ARG A 188 -13.49 -5.57 -14.38
C ARG A 188 -13.90 -6.98 -13.95
N ARG A 189 -13.58 -7.98 -14.77
CA ARG A 189 -13.89 -9.39 -14.45
C ARG A 189 -13.15 -9.76 -13.16
N PHE A 190 -11.94 -9.24 -13.01
CA PHE A 190 -11.08 -9.46 -11.86
C PHE A 190 -11.73 -8.93 -10.57
N TYR A 191 -12.18 -7.68 -10.60
CA TYR A 191 -12.85 -7.07 -9.44
C TYR A 191 -14.05 -7.93 -9.05
N GLU A 192 -14.85 -8.28 -10.05
CA GLU A 192 -16.06 -9.09 -9.83
C GLU A 192 -15.76 -10.45 -9.21
N LEU A 193 -14.71 -11.12 -9.70
CA LEU A 193 -14.37 -12.42 -9.16
C LEU A 193 -13.90 -12.34 -7.72
N ILE A 194 -13.16 -11.29 -7.40
CA ILE A 194 -12.69 -11.10 -6.04
C ILE A 194 -13.91 -10.97 -5.13
N ALA A 195 -14.89 -10.21 -5.58
CA ALA A 195 -16.12 -10.01 -4.82
C ALA A 195 -16.88 -11.32 -4.64
N ALA A 196 -16.77 -12.21 -5.62
CA ALA A 196 -17.46 -13.50 -5.58
C ALA A 196 -16.72 -14.57 -4.79
N GLU A 197 -15.47 -14.31 -4.43
CA GLU A 197 -14.67 -15.27 -3.66
C GLU A 197 -14.64 -14.88 -2.17
N PRO A 198 -15.41 -15.59 -1.34
CA PRO A 198 -15.46 -15.30 0.10
C PRO A 198 -14.11 -15.41 0.80
N ARG A 199 -13.19 -16.18 0.23
CA ARG A 199 -11.89 -16.37 0.84
C ARG A 199 -10.91 -15.23 0.58
N VAL A 200 -11.35 -14.19 -0.13
CA VAL A 200 -10.48 -13.06 -0.43
C VAL A 200 -11.11 -11.71 -0.12
N SER A 201 -10.39 -10.88 0.62
CA SER A 201 -10.84 -9.54 0.98
C SER A 201 -9.85 -8.57 0.34
N ALA A 202 -10.36 -7.54 -0.33
CA ALA A 202 -9.48 -6.62 -1.01
C ALA A 202 -9.92 -5.18 -1.03
N THR A 203 -8.99 -4.32 -1.43
CA THR A 203 -9.25 -2.91 -1.62
C THR A 203 -8.44 -2.53 -2.85
N ALA A 204 -8.65 -1.31 -3.33
CA ALA A 204 -7.89 -0.81 -4.46
C ALA A 204 -7.63 0.66 -4.26
N LEU A 205 -6.41 1.10 -4.54
CA LEU A 205 -6.07 2.50 -4.43
C LEU A 205 -5.73 3.01 -5.83
N GLN A 206 -6.21 4.21 -6.15
CA GLN A 206 -5.91 4.81 -7.43
C GLN A 206 -4.64 5.60 -7.18
N THR A 207 -3.68 5.51 -8.11
CA THR A 207 -2.43 6.22 -7.94
C THR A 207 -2.09 7.06 -9.15
N VAL A 208 -1.27 8.08 -8.92
CA VAL A 208 -0.78 8.92 -10.01
C VAL A 208 0.71 9.02 -9.80
N GLY A 209 1.44 9.32 -10.87
CA GLY A 209 2.88 9.43 -10.76
C GLY A 209 3.46 9.46 -12.15
N SER A 210 4.73 9.11 -12.26
CA SER A 210 5.43 9.13 -13.54
C SER A 210 4.79 8.28 -14.64
N LYS A 211 4.03 7.26 -14.25
CA LYS A 211 3.39 6.39 -15.24
C LYS A 211 1.97 6.86 -15.59
N GLY A 212 1.52 7.92 -14.95
CA GLY A 212 0.19 8.42 -15.22
C GLY A 212 -0.81 8.06 -14.14
N TYR A 213 -2.07 8.02 -14.53
CA TYR A 213 -3.17 7.73 -13.63
C TYR A 213 -3.58 6.27 -13.76
N ASP A 214 -3.38 5.50 -12.69
CA ASP A 214 -3.69 4.08 -12.69
C ASP A 214 -4.03 3.66 -11.25
N GLY A 215 -3.63 2.45 -10.87
CA GLY A 215 -3.95 2.00 -9.52
C GLY A 215 -3.70 0.52 -9.34
N PHE A 216 -3.84 0.05 -8.11
CA PHE A 216 -3.61 -1.36 -7.81
C PHE A 216 -4.60 -1.92 -6.79
N ILE A 217 -4.75 -3.24 -6.85
CA ILE A 217 -5.59 -3.97 -5.93
C ILE A 217 -4.65 -4.69 -4.96
N MSE A 218 -5.03 -4.69 -3.69
CA MSE A 218 -4.27 -5.41 -2.67
C MSE A 218 -5.32 -6.29 -2.00
O MSE A 218 -6.32 -5.81 -1.47
CB MSE A 218 -3.64 -4.47 -1.64
CG MSE A 218 -2.83 -5.23 -0.58
SE MSE A 218 -1.71 -4.11 0.53
CE MSE A 218 -3.03 -3.61 1.84
N ALA A 219 -5.09 -7.60 -2.07
CA ALA A 219 -6.01 -8.57 -1.51
C ALA A 219 -5.30 -9.52 -0.57
N VAL A 220 -6.04 -10.05 0.39
CA VAL A 220 -5.49 -11.00 1.35
C VAL A 220 -6.39 -12.22 1.38
N VAL A 221 -5.77 -13.40 1.30
CA VAL A 221 -6.50 -14.66 1.32
C VAL A 221 -6.76 -15.06 2.77
N LYS A 222 -7.98 -15.50 3.04
CA LYS A 222 -8.39 -15.93 4.36
C LYS A 222 -8.55 -17.45 4.39
N MSE B 3 -11.65 16.22 -13.04
CA MSE B 3 -10.90 15.02 -12.57
C MSE B 3 -11.46 14.45 -11.27
O MSE B 3 -11.54 13.24 -11.12
CB MSE B 3 -9.41 15.36 -12.40
CG MSE B 3 -8.67 15.55 -13.71
SE MSE B 3 -6.83 16.11 -13.50
CE MSE B 3 -7.04 17.97 -13.98
N ILE B 4 -11.86 15.32 -10.35
CA ILE B 4 -12.40 14.84 -9.08
C ILE B 4 -13.65 13.98 -9.30
N GLU B 5 -14.45 14.32 -10.31
CA GLU B 5 -15.65 13.53 -10.58
C GLU B 5 -15.26 12.11 -10.99
N THR B 6 -14.25 11.99 -11.85
CA THR B 6 -13.79 10.69 -12.31
C THR B 6 -13.19 9.90 -11.14
N TRP B 7 -12.31 10.54 -10.39
CA TRP B 7 -11.67 9.88 -9.25
C TRP B 7 -12.71 9.39 -8.25
N THR B 8 -13.74 10.20 -8.03
CA THR B 8 -14.80 9.86 -7.10
C THR B 8 -15.62 8.68 -7.63
N ALA B 9 -15.89 8.69 -8.93
CA ALA B 9 -16.65 7.61 -9.55
C ALA B 9 -15.88 6.30 -9.47
N VAL B 10 -14.57 6.34 -9.69
CA VAL B 10 -13.76 5.12 -9.62
C VAL B 10 -13.78 4.61 -8.18
N ASP B 11 -13.63 5.50 -7.21
CA ASP B 11 -13.66 5.08 -5.81
C ASP B 11 -15.02 4.46 -5.46
N GLN B 12 -16.09 5.01 -6.03
CA GLN B 12 -17.43 4.49 -5.77
C GLN B 12 -17.52 3.07 -6.30
N TYR B 13 -16.96 2.85 -7.49
CA TYR B 13 -16.97 1.54 -8.12
C TYR B 13 -16.17 0.56 -7.26
N VAL B 14 -14.97 0.96 -6.85
CA VAL B 14 -14.12 0.10 -6.04
C VAL B 14 -14.81 -0.31 -4.74
N SER B 15 -15.38 0.64 -4.03
CA SER B 15 -16.07 0.33 -2.79
C SER B 15 -17.31 -0.53 -3.02
N ASP B 16 -18.07 -0.20 -4.06
CA ASP B 16 -19.28 -0.97 -4.37
C ASP B 16 -18.99 -2.44 -4.60
N VAL B 17 -17.89 -2.73 -5.29
CA VAL B 17 -17.55 -4.10 -5.59
C VAL B 17 -16.70 -4.81 -4.54
N LEU B 18 -15.73 -4.12 -3.97
CA LEU B 18 -14.83 -4.74 -3.00
C LEU B 18 -15.13 -4.56 -1.52
N ILE B 19 -16.00 -3.62 -1.18
CA ILE B 19 -16.31 -3.36 0.21
C ILE B 19 -17.79 -3.53 0.53
N PRO B 20 -18.16 -4.69 1.12
CA PRO B 20 -19.56 -4.95 1.46
C PRO B 20 -20.12 -3.81 2.30
N LYS B 21 -21.40 -3.49 2.10
CA LYS B 21 -22.03 -2.41 2.85
C LYS B 21 -21.85 -2.66 4.34
N ASP B 22 -21.53 -1.59 5.06
CA ASP B 22 -21.29 -1.66 6.50
C ASP B 22 -22.06 -0.53 7.17
N SER B 23 -23.24 -0.85 7.71
CA SER B 23 -24.09 0.14 8.36
C SER B 23 -23.44 0.80 9.57
N THR B 24 -22.54 0.06 10.24
CA THR B 24 -21.86 0.60 11.41
C THR B 24 -20.94 1.75 11.02
N LEU B 25 -20.08 1.52 10.03
CA LEU B 25 -19.16 2.57 9.60
C LEU B 25 -19.91 3.76 8.97
N GLU B 26 -21.00 3.47 8.27
CA GLU B 26 -21.77 4.55 7.67
C GLU B 26 -22.36 5.43 8.77
N GLU B 27 -22.75 4.81 9.87
CA GLU B 27 -23.32 5.56 10.99
C GLU B 27 -22.25 6.39 11.67
N VAL B 28 -21.02 5.87 11.72
CA VAL B 28 -19.92 6.61 12.32
C VAL B 28 -19.78 7.96 11.60
N LEU B 29 -19.76 7.93 10.28
CA LEU B 29 -19.62 9.17 9.51
C LEU B 29 -20.82 10.09 9.70
N GLN B 30 -22.00 9.49 9.80
CA GLN B 30 -23.24 10.24 9.98
C GLN B 30 -23.22 10.98 11.32
N VAL B 31 -22.75 10.29 12.36
CA VAL B 31 -22.67 10.90 13.68
C VAL B 31 -21.61 11.99 13.69
N ASN B 32 -20.48 11.74 13.03
CA ASN B 32 -19.42 12.74 12.95
C ASN B 32 -20.00 14.02 12.33
N ALA B 33 -20.75 13.85 11.25
CA ALA B 33 -21.37 14.98 10.56
C ALA B 33 -22.38 15.70 11.44
N ALA B 34 -23.20 14.93 12.15
CA ALA B 34 -24.21 15.50 13.02
C ALA B 34 -23.53 16.33 14.11
N ALA B 35 -22.34 15.87 14.53
CA ALA B 35 -21.57 16.56 15.56
C ALA B 35 -20.73 17.70 15.01
N ASN B 36 -20.87 17.94 13.71
CA ASN B 36 -20.13 19.01 13.04
C ASN B 36 -18.63 18.77 12.93
N LEU B 37 -18.22 17.51 13.02
CA LEU B 37 -16.79 17.19 12.88
C LEU B 37 -16.50 17.38 11.39
N PRO B 38 -15.28 17.85 11.06
CA PRO B 38 -14.95 18.02 9.64
C PRO B 38 -14.84 16.66 8.96
N ALA B 39 -15.08 16.62 7.65
CA ALA B 39 -14.99 15.38 6.91
C ALA B 39 -13.54 15.12 6.52
N HIS B 40 -12.70 14.85 7.51
CA HIS B 40 -11.29 14.59 7.27
C HIS B 40 -10.92 13.13 7.47
N ASP B 41 -11.93 12.27 7.59
CA ASP B 41 -11.69 10.85 7.79
C ASP B 41 -11.03 10.26 6.54
N VAL B 42 -10.33 9.15 6.71
CA VAL B 42 -9.76 8.49 5.55
C VAL B 42 -10.96 8.01 4.75
N SER B 43 -10.77 7.77 3.46
CA SER B 43 -11.84 7.28 2.61
C SER B 43 -12.04 5.79 2.92
N PRO B 44 -13.15 5.21 2.47
CA PRO B 44 -13.40 3.80 2.73
C PRO B 44 -12.30 2.89 2.16
N THR B 45 -11.83 3.19 0.95
CA THR B 45 -10.80 2.35 0.34
C THR B 45 -9.46 2.50 1.07
N GLN B 46 -9.19 3.68 1.59
CA GLN B 46 -7.97 3.94 2.35
C GLN B 46 -8.09 3.21 3.68
N GLY B 47 -9.29 3.24 4.26
CA GLY B 47 -9.51 2.58 5.52
C GLY B 47 -9.29 1.09 5.36
N LYS B 48 -9.82 0.50 4.29
CA LYS B 48 -9.64 -0.92 4.10
C LYS B 48 -8.17 -1.26 3.83
N PHE B 49 -7.46 -0.36 3.17
CA PHE B 49 -6.04 -0.57 2.92
C PHE B 49 -5.34 -0.70 4.27
N LEU B 50 -5.67 0.20 5.20
CA LEU B 50 -5.06 0.18 6.53
C LEU B 50 -5.39 -1.12 7.26
N GLN B 51 -6.65 -1.54 7.19
CA GLN B 51 -7.07 -2.77 7.86
C GLN B 51 -6.28 -3.95 7.33
N LEU B 52 -6.20 -4.06 6.01
CA LEU B 52 -5.47 -5.16 5.40
C LEU B 52 -3.98 -5.10 5.71
N LEU B 53 -3.40 -3.90 5.75
CA LEU B 53 -1.97 -3.79 6.05
C LEU B 53 -1.73 -4.23 7.50
N VAL B 54 -2.64 -3.89 8.39
CA VAL B 54 -2.53 -4.29 9.78
C VAL B 54 -2.55 -5.83 9.85
N GLN B 55 -3.44 -6.44 9.06
CA GLN B 55 -3.55 -7.90 9.03
C GLN B 55 -2.29 -8.56 8.45
N ILE B 56 -1.74 -7.94 7.41
CA ILE B 56 -0.52 -8.48 6.78
C ILE B 56 0.64 -8.42 7.78
N GLN B 57 0.72 -7.32 8.51
CA GLN B 57 1.75 -7.12 9.53
C GLN B 57 1.49 -8.01 10.74
N GLY B 58 0.21 -8.33 10.98
CA GLY B 58 -0.14 -9.14 12.12
C GLY B 58 0.08 -8.30 13.36
N ALA B 59 -0.22 -7.01 13.24
CA ALA B 59 -0.04 -6.06 14.33
C ALA B 59 -0.90 -6.33 15.55
N ARG B 60 -0.31 -6.10 16.72
CA ARG B 60 -1.02 -6.30 17.99
C ARG B 60 -0.96 -5.06 18.89
N ASN B 61 -0.16 -4.07 18.50
CA ASN B 61 -0.04 -2.85 19.30
C ASN B 61 0.07 -1.65 18.35
N ILE B 62 -1.08 -1.08 18.03
CA ILE B 62 -1.19 0.04 17.10
C ILE B 62 -1.25 1.41 17.77
N LEU B 63 -0.49 2.35 17.24
CA LEU B 63 -0.51 3.73 17.72
C LEU B 63 -1.05 4.60 16.59
N GLU B 64 -2.10 5.35 16.88
CA GLU B 64 -2.67 6.26 15.89
C GLU B 64 -2.61 7.68 16.43
N ILE B 65 -2.15 8.60 15.60
CA ILE B 65 -2.07 10.00 15.98
C ILE B 65 -3.10 10.75 15.12
N GLY B 66 -4.17 11.21 15.75
CA GLY B 66 -5.24 11.91 15.04
C GLY B 66 -6.45 11.00 14.93
N THR B 67 -7.33 11.06 15.91
CA THR B 67 -8.51 10.20 15.96
C THR B 67 -9.75 10.67 15.20
N LEU B 68 -10.01 11.97 15.29
CA LEU B 68 -11.21 12.59 14.73
C LEU B 68 -12.38 11.83 15.37
N GLY B 69 -13.20 11.16 14.57
CA GLY B 69 -14.34 10.43 15.10
C GLY B 69 -14.15 8.93 15.19
N GLY B 70 -12.91 8.46 15.03
CA GLY B 70 -12.63 7.05 15.13
C GLY B 70 -12.88 6.19 13.89
N TYR B 71 -13.11 6.82 12.75
CA TYR B 71 -13.35 6.08 11.53
C TYR B 71 -12.13 5.23 11.17
N SER B 72 -10.98 5.85 11.01
CA SER B 72 -9.77 5.09 10.69
C SER B 72 -9.46 4.13 11.82
N THR B 73 -9.73 4.56 13.06
CA THR B 73 -9.46 3.75 14.24
C THR B 73 -10.17 2.41 14.19
N ILE B 74 -11.41 2.42 13.73
CA ILE B 74 -12.20 1.20 13.63
C ILE B 74 -11.61 0.28 12.55
N TRP B 75 -11.23 0.84 11.41
CA TRP B 75 -10.62 0.03 10.35
C TRP B 75 -9.35 -0.63 10.89
N LEU B 76 -8.52 0.15 11.57
CA LEU B 76 -7.28 -0.36 12.14
C LEU B 76 -7.56 -1.45 13.17
N ALA B 77 -8.45 -1.15 14.11
CA ALA B 77 -8.76 -2.11 15.16
C ALA B 77 -9.29 -3.43 14.60
N ARG B 78 -10.06 -3.36 13.51
CA ARG B 78 -10.60 -4.57 12.92
C ARG B 78 -9.55 -5.48 12.29
N GLY B 79 -8.33 -4.96 12.14
CA GLY B 79 -7.28 -5.77 11.56
C GLY B 79 -6.41 -6.45 12.61
N LEU B 80 -6.56 -6.03 13.86
CA LEU B 80 -5.77 -6.55 14.94
C LEU B 80 -5.70 -8.07 15.09
N SER B 81 -4.52 -8.55 15.53
CA SER B 81 -4.29 -9.95 15.90
C SER B 81 -4.84 -10.21 17.37
N SER B 82 -4.96 -11.51 17.76
CA SER B 82 -5.52 -12.06 19.01
C SER B 82 -6.17 -11.06 19.90
N GLY B 83 -5.27 -10.69 20.82
CA GLY B 83 -5.49 -9.77 21.90
C GLY B 83 -4.71 -8.47 21.72
N GLY B 84 -4.78 -7.90 20.53
CA GLY B 84 -4.11 -6.65 20.22
C GLY B 84 -4.94 -5.46 20.68
N ARG B 85 -4.32 -4.28 20.59
CA ARG B 85 -4.96 -3.05 21.00
C ARG B 85 -4.51 -1.86 20.17
N VAL B 86 -5.31 -0.80 20.25
CA VAL B 86 -5.02 0.43 19.54
C VAL B 86 -5.06 1.57 20.54
N VAL B 87 -4.07 2.45 20.47
CA VAL B 87 -4.01 3.62 21.32
C VAL B 87 -4.05 4.77 20.31
N THR B 88 -5.06 5.61 20.40
CA THR B 88 -5.19 6.72 19.47
C THR B 88 -5.22 8.06 20.21
N LEU B 89 -4.54 9.05 19.64
CA LEU B 89 -4.41 10.37 20.24
C LEU B 89 -5.26 11.43 19.56
N GLU B 90 -5.98 12.20 20.37
CA GLU B 90 -6.85 13.25 19.86
C GLU B 90 -6.81 14.51 20.73
N ALA B 91 -6.55 15.65 20.11
CA ALA B 91 -6.46 16.92 20.83
C ALA B 91 -7.80 17.51 21.27
N SER B 92 -8.81 17.38 20.43
CA SER B 92 -10.13 17.91 20.75
C SER B 92 -10.93 17.03 21.68
N GLU B 93 -11.36 17.60 22.81
CA GLU B 93 -12.14 16.85 23.78
C GLU B 93 -13.43 16.36 23.14
N LYS B 94 -14.06 17.22 22.33
CA LYS B 94 -15.29 16.82 21.66
C LYS B 94 -15.05 15.71 20.64
N HIS B 95 -14.00 15.85 19.82
CA HIS B 95 -13.71 14.82 18.82
C HIS B 95 -13.51 13.50 19.55
N ALA B 96 -12.70 13.54 20.62
CA ALA B 96 -12.42 12.35 21.40
C ALA B 96 -13.68 11.72 21.96
N ASP B 97 -14.60 12.55 22.48
CA ASP B 97 -15.84 12.04 23.04
C ASP B 97 -16.66 11.33 21.98
N ILE B 98 -16.77 11.95 20.81
CA ILE B 98 -17.51 11.37 19.69
C ILE B 98 -16.83 10.08 19.24
N ALA B 99 -15.50 10.11 19.18
CA ALA B 99 -14.75 8.93 18.75
C ALA B 99 -15.03 7.76 19.69
N ARG B 100 -15.00 8.01 20.99
CA ARG B 100 -15.26 6.97 21.97
C ARG B 100 -16.66 6.39 21.75
N SER B 101 -17.63 7.26 21.43
CA SER B 101 -18.99 6.81 21.20
C SER B 101 -19.07 5.92 19.95
N ASN B 102 -18.30 6.27 18.92
CA ASN B 102 -18.30 5.48 17.68
C ASN B 102 -17.57 4.15 17.87
N ILE B 103 -16.51 4.17 18.66
CA ILE B 103 -15.77 2.95 18.94
C ILE B 103 -16.70 2.02 19.71
N GLU B 104 -17.53 2.62 20.57
CA GLU B 104 -18.51 1.86 21.34
C GLU B 104 -19.55 1.26 20.40
N ARG B 105 -20.03 2.06 19.44
CA ARG B 105 -21.03 1.56 18.51
C ARG B 105 -20.48 0.42 17.66
N ALA B 106 -19.16 0.38 17.47
CA ALA B 106 -18.52 -0.67 16.68
C ALA B 106 -18.09 -1.84 17.55
N ASN B 107 -18.42 -1.80 18.83
CA ASN B 107 -18.07 -2.86 19.77
C ASN B 107 -16.57 -3.13 19.83
N LEU B 108 -15.77 -2.06 19.85
CA LEU B 108 -14.32 -2.20 19.89
C LEU B 108 -13.69 -1.50 21.09
N ASN B 109 -14.52 -1.12 22.06
CA ASN B 109 -14.03 -0.45 23.26
C ASN B 109 -13.15 -1.35 24.12
N ASP B 110 -13.19 -2.65 23.85
CA ASP B 110 -12.39 -3.61 24.60
C ASP B 110 -10.95 -3.69 24.10
N ARG B 111 -10.65 -3.02 22.99
CA ARG B 111 -9.31 -3.05 22.43
C ARG B 111 -8.82 -1.71 21.89
N VAL B 112 -9.53 -0.64 22.19
CA VAL B 112 -9.14 0.69 21.73
C VAL B 112 -9.18 1.71 22.88
N GLU B 113 -8.10 2.47 22.99
CA GLU B 113 -7.98 3.50 24.01
C GLU B 113 -7.81 4.85 23.31
N VAL B 114 -8.69 5.80 23.62
CA VAL B 114 -8.62 7.13 23.04
C VAL B 114 -8.08 8.05 24.12
N ARG B 115 -6.92 8.68 23.86
CA ARG B 115 -6.32 9.58 24.83
C ARG B 115 -6.44 11.02 24.37
N THR B 116 -7.09 11.84 25.20
CA THR B 116 -7.29 13.25 24.87
C THR B 116 -6.10 14.11 25.27
N GLY B 117 -5.75 15.05 24.39
CA GLY B 117 -4.64 15.95 24.66
C GLY B 117 -3.76 16.13 23.43
N LEU B 118 -2.87 17.11 23.47
CA LEU B 118 -1.96 17.34 22.36
C LEU B 118 -1.14 16.07 22.22
N ALA B 119 -0.98 15.59 20.98
CA ALA B 119 -0.24 14.36 20.74
C ALA B 119 1.17 14.36 21.33
N LEU B 120 1.90 15.46 21.22
CA LEU B 120 3.26 15.48 21.76
C LEU B 120 3.26 15.24 23.27
N ASP B 121 2.28 15.79 23.98
CA ASP B 121 2.21 15.57 25.42
C ASP B 121 1.84 14.11 25.70
N SER B 122 0.88 13.59 24.95
CA SER B 122 0.46 12.20 25.14
C SER B 122 1.56 11.21 24.79
N LEU B 123 2.36 11.52 23.79
CA LEU B 123 3.44 10.64 23.40
C LEU B 123 4.48 10.54 24.53
N GLN B 124 4.75 11.67 25.18
CA GLN B 124 5.69 11.66 26.29
C GLN B 124 5.11 10.83 27.43
N GLN B 125 3.81 10.96 27.67
CA GLN B 125 3.14 10.20 28.72
C GLN B 125 3.23 8.72 28.43
N ILE B 126 3.00 8.35 27.17
CA ILE B 126 3.07 6.95 26.76
C ILE B 126 4.45 6.39 27.05
N GLU B 127 5.48 7.20 26.81
CA GLU B 127 6.84 6.76 27.09
C GLU B 127 7.00 6.60 28.60
N ASN B 128 6.52 7.59 29.34
CA ASN B 128 6.59 7.58 30.80
C ASN B 128 5.93 6.35 31.39
N GLU B 129 4.80 5.97 30.81
CA GLU B 129 4.08 4.80 31.28
C GLU B 129 4.71 3.54 30.71
N LYS B 130 4.16 2.39 31.04
CA LYS B 130 4.73 1.14 30.55
C LYS B 130 4.01 0.59 29.33
N TYR B 131 4.26 1.21 28.18
CA TYR B 131 3.65 0.76 26.94
C TYR B 131 4.69 -0.01 26.14
N GLU B 132 4.28 -1.16 25.62
CA GLU B 132 5.18 -1.96 24.81
C GLU B 132 5.40 -1.25 23.49
N PRO B 133 6.45 -1.61 22.75
CA PRO B 133 6.71 -0.96 21.46
C PRO B 133 5.52 -1.17 20.54
N PHE B 134 5.22 -0.17 19.72
CA PHE B 134 4.11 -0.27 18.78
C PHE B 134 4.61 -0.90 17.49
N ASP B 135 3.83 -1.82 16.93
CA ASP B 135 4.24 -2.48 15.70
C ASP B 135 3.60 -1.90 14.43
N PHE B 136 2.70 -0.95 14.61
CA PHE B 136 2.04 -0.30 13.48
C PHE B 136 1.67 1.08 13.98
N ILE B 137 2.08 2.11 13.25
CA ILE B 137 1.83 3.50 13.65
C ILE B 137 1.24 4.29 12.49
N PHE B 138 0.09 4.89 12.72
CA PHE B 138 -0.60 5.68 11.72
C PHE B 138 -0.56 7.16 12.13
N ILE B 139 0.15 7.97 11.37
CA ILE B 139 0.28 9.38 11.66
C ILE B 139 -0.71 10.14 10.78
N ASP B 140 -1.75 10.69 11.41
CA ASP B 140 -2.80 11.38 10.68
C ASP B 140 -3.43 12.51 11.49
N ALA B 141 -2.60 13.41 12.02
CA ALA B 141 -3.10 14.53 12.82
C ALA B 141 -2.76 15.85 12.12
N ASP B 142 -2.09 16.74 12.85
CA ASP B 142 -1.65 18.02 12.28
C ASP B 142 -0.31 17.73 11.60
N LYS B 143 -0.31 17.73 10.28
CA LYS B 143 0.89 17.38 9.53
C LYS B 143 2.10 18.30 9.73
N GLN B 144 1.88 19.52 10.21
CA GLN B 144 3.02 20.41 10.43
C GLN B 144 3.93 19.82 11.51
N ASN B 145 3.37 18.98 12.37
CA ASN B 145 4.13 18.34 13.44
C ASN B 145 4.68 16.96 13.06
N ASN B 146 4.55 16.58 11.79
CA ASN B 146 5.05 15.28 11.36
C ASN B 146 6.52 15.00 11.71
N PRO B 147 7.39 16.02 11.67
CA PRO B 147 8.78 15.74 12.01
C PRO B 147 8.89 15.15 13.42
N ALA B 148 8.24 15.80 14.39
CA ALA B 148 8.26 15.32 15.76
C ALA B 148 7.53 13.98 15.91
N TYR B 149 6.42 13.83 15.20
CA TYR B 149 5.67 12.58 15.30
C TYR B 149 6.50 11.42 14.76
N PHE B 150 7.29 11.67 13.71
CA PHE B 150 8.14 10.63 13.17
C PHE B 150 9.22 10.20 14.17
N GLU B 151 9.86 11.17 14.81
CA GLU B 151 10.90 10.86 15.78
C GLU B 151 10.30 10.08 16.95
N TRP B 152 9.11 10.49 17.40
CA TRP B 152 8.45 9.79 18.49
C TRP B 152 8.06 8.38 18.03
N ALA B 153 7.55 8.28 16.81
CA ALA B 153 7.17 6.98 16.27
C ALA B 153 8.36 6.02 16.30
N LEU B 154 9.51 6.49 15.85
CA LEU B 154 10.70 5.66 15.84
C LEU B 154 11.11 5.31 17.27
N LYS B 155 11.04 6.28 18.17
CA LYS B 155 11.39 6.06 19.56
C LYS B 155 10.53 4.98 20.21
N LEU B 156 9.24 4.96 19.85
CA LEU B 156 8.29 4.00 20.42
C LEU B 156 8.07 2.76 19.57
N SER B 157 8.97 2.53 18.60
CA SER B 157 8.85 1.40 17.70
C SER B 157 9.75 0.23 18.10
N ARG B 158 9.74 -0.78 17.24
CA ARG B 158 10.58 -1.95 17.42
C ARG B 158 10.96 -2.35 16.01
N PRO B 159 11.99 -3.19 15.85
CA PRO B 159 12.37 -3.60 14.50
C PRO B 159 11.18 -4.23 13.79
N GLY B 160 10.89 -3.77 12.58
CA GLY B 160 9.78 -4.32 11.83
C GLY B 160 8.52 -3.47 11.89
N THR B 161 8.50 -2.45 12.75
CA THR B 161 7.34 -1.58 12.88
C THR B 161 7.02 -0.91 11.56
N VAL B 162 5.73 -0.85 11.24
CA VAL B 162 5.25 -0.20 10.02
C VAL B 162 4.73 1.18 10.40
N ILE B 163 5.11 2.18 9.61
CA ILE B 163 4.65 3.54 9.84
C ILE B 163 3.98 4.05 8.57
N ILE B 164 2.74 4.52 8.70
CA ILE B 164 2.01 5.09 7.58
C ILE B 164 1.77 6.56 7.90
N GLY B 165 2.16 7.43 6.97
CA GLY B 165 1.94 8.86 7.14
C GLY B 165 0.97 9.31 6.07
N ASP B 166 -0.22 9.72 6.47
CA ASP B 166 -1.25 10.14 5.53
C ASP B 166 -1.14 11.62 5.16
N ASN B 167 -1.74 11.95 4.01
CA ASN B 167 -1.81 13.33 3.49
C ASN B 167 -0.46 14.01 3.39
N VAL B 168 0.48 13.36 2.71
CA VAL B 168 1.83 13.88 2.58
C VAL B 168 2.17 14.30 1.14
N VAL B 169 1.15 14.59 0.34
CA VAL B 169 1.35 15.05 -1.03
C VAL B 169 0.63 16.39 -1.20
N ARG B 170 -0.53 16.53 -0.56
CA ARG B 170 -1.29 17.77 -0.56
C ARG B 170 -1.50 18.42 -1.93
N GLU B 171 -2.16 17.71 -2.83
CA GLU B 171 -2.43 18.25 -4.15
C GLU B 171 -1.16 18.68 -4.88
N GLY B 172 -0.03 18.10 -4.49
CA GLY B 172 1.24 18.44 -5.13
C GLY B 172 2.04 19.53 -4.45
N GLU B 173 1.49 20.14 -3.41
CA GLU B 173 2.18 21.20 -2.70
C GLU B 173 3.47 20.75 -2.03
N VAL B 174 3.64 19.44 -1.87
CA VAL B 174 4.83 18.91 -1.23
C VAL B 174 6.13 19.34 -1.93
N ILE B 175 6.08 19.61 -3.23
CA ILE B 175 7.30 20.02 -3.94
C ILE B 175 7.54 21.53 -3.95
N ASP B 176 6.65 22.29 -3.31
CA ASP B 176 6.81 23.74 -3.24
C ASP B 176 7.77 24.05 -2.10
N ASN B 177 9.06 23.95 -2.36
CA ASN B 177 10.08 24.19 -1.34
C ASN B 177 10.07 25.60 -0.76
N THR B 178 9.54 26.57 -1.50
CA THR B 178 9.50 27.95 -1.02
C THR B 178 8.26 28.29 -0.21
N SER B 179 7.29 27.38 -0.19
CA SER B 179 6.06 27.62 0.56
C SER B 179 6.32 27.94 2.02
N ASN B 180 5.57 28.89 2.55
CA ASN B 180 5.69 29.30 3.94
C ASN B 180 4.63 28.60 4.79
N ASP B 181 3.89 27.69 4.15
CA ASP B 181 2.85 26.93 4.86
C ASP B 181 3.52 25.91 5.76
N PRO B 182 3.29 25.97 7.08
CA PRO B 182 3.91 25.02 8.00
C PRO B 182 3.59 23.56 7.74
N ARG B 183 2.44 23.28 7.15
CA ARG B 183 2.07 21.91 6.84
C ARG B 183 2.99 21.40 5.75
N VAL B 184 3.21 22.21 4.72
CA VAL B 184 4.08 21.83 3.62
C VAL B 184 5.51 21.64 4.11
N GLN B 185 6.00 22.59 4.90
CA GLN B 185 7.36 22.49 5.42
C GLN B 185 7.51 21.30 6.36
N GLY B 186 6.49 21.06 7.19
CA GLY B 186 6.55 19.94 8.12
C GLY B 186 6.56 18.62 7.37
N ILE B 187 5.76 18.52 6.33
CA ILE B 187 5.70 17.30 5.54
C ILE B 187 7.06 17.07 4.85
N ARG B 188 7.63 18.11 4.27
CA ARG B 188 8.91 17.96 3.60
C ARG B 188 10.00 17.53 4.59
N ARG B 189 10.00 18.09 5.80
CA ARG B 189 11.00 17.70 6.78
C ARG B 189 10.78 16.25 7.23
N PHE B 190 9.54 15.79 7.16
CA PHE B 190 9.18 14.41 7.50
C PHE B 190 9.91 13.49 6.50
N TYR B 191 9.79 13.79 5.20
CA TYR B 191 10.47 13.01 4.17
C TYR B 191 11.98 13.01 4.43
N GLU B 192 12.52 14.20 4.68
CA GLU B 192 13.95 14.37 4.92
C GLU B 192 14.46 13.60 6.14
N LEU B 193 13.71 13.64 7.23
CA LEU B 193 14.13 12.93 8.43
C LEU B 193 14.11 11.43 8.21
N ILE B 194 13.12 10.95 7.44
CA ILE B 194 13.07 9.52 7.15
C ILE B 194 14.33 9.13 6.38
N ALA B 195 14.73 9.96 5.43
CA ALA B 195 15.93 9.71 4.64
C ALA B 195 17.19 9.75 5.51
N ALA B 196 17.19 10.59 6.54
CA ALA B 196 18.33 10.73 7.43
C ALA B 196 18.49 9.55 8.39
N GLU B 197 17.42 8.79 8.60
CA GLU B 197 17.44 7.65 9.51
C GLU B 197 17.77 6.34 8.79
N PRO B 198 18.97 5.81 9.02
CA PRO B 198 19.34 4.55 8.35
C PRO B 198 18.48 3.35 8.77
N ARG B 199 17.82 3.45 9.92
CA ARG B 199 16.99 2.37 10.42
C ARG B 199 15.59 2.36 9.80
N VAL B 200 15.29 3.32 8.95
CA VAL B 200 13.98 3.39 8.33
C VAL B 200 14.05 3.42 6.80
N SER B 201 13.26 2.56 6.16
CA SER B 201 13.20 2.49 4.70
C SER B 201 11.77 2.81 4.30
N ALA B 202 11.59 3.71 3.33
CA ALA B 202 10.24 4.09 2.95
C ALA B 202 10.04 4.43 1.49
N THR B 203 8.76 4.53 1.13
CA THR B 203 8.36 4.94 -0.20
C THR B 203 7.11 5.79 0.02
N ALA B 204 6.62 6.42 -1.04
CA ALA B 204 5.41 7.20 -0.95
C ALA B 204 4.66 7.02 -2.27
N LEU B 205 3.35 6.82 -2.17
CA LEU B 205 2.52 6.68 -3.34
C LEU B 205 1.56 7.87 -3.37
N GLN B 206 1.40 8.46 -4.54
CA GLN B 206 0.47 9.55 -4.72
C GLN B 206 -0.85 8.89 -5.01
N THR B 207 -1.91 9.35 -4.40
CA THR B 207 -3.21 8.74 -4.61
C THR B 207 -4.27 9.76 -5.06
N VAL B 208 -5.31 9.28 -5.73
CA VAL B 208 -6.43 10.12 -6.10
C VAL B 208 -7.67 9.34 -5.71
N GLY B 209 -8.78 10.04 -5.52
CA GLY B 209 -10.01 9.37 -5.13
C GLY B 209 -11.00 10.41 -4.67
N SER B 210 -11.97 9.98 -3.86
CA SER B 210 -13.01 10.89 -3.38
C SER B 210 -12.49 12.07 -2.57
N LYS B 211 -11.30 11.95 -2.00
CA LYS B 211 -10.76 13.04 -1.19
C LYS B 211 -9.88 13.96 -2.01
N GLY B 212 -9.66 13.62 -3.28
CA GLY B 212 -8.83 14.46 -4.12
C GLY B 212 -7.46 13.85 -4.37
N TYR B 213 -6.51 14.72 -4.70
CA TYR B 213 -5.15 14.31 -5.01
C TYR B 213 -4.25 14.52 -3.80
N ASP B 214 -3.77 13.41 -3.24
CA ASP B 214 -2.91 13.44 -2.06
C ASP B 214 -1.97 12.24 -2.12
N GLY B 215 -1.66 11.64 -0.97
CA GLY B 215 -0.76 10.50 -0.98
C GLY B 215 -0.31 10.13 0.42
N PHE B 216 0.42 9.02 0.51
CA PHE B 216 0.90 8.53 1.79
C PHE B 216 2.28 7.94 1.72
N ILE B 217 2.94 7.97 2.88
CA ILE B 217 4.26 7.40 3.05
C ILE B 217 4.08 6.08 3.78
N MSE B 218 4.80 5.05 3.32
CA MSE B 218 4.79 3.76 4.00
C MSE B 218 6.25 3.49 4.31
O MSE B 218 7.09 3.42 3.41
CB MSE B 218 4.23 2.63 3.13
CG MSE B 218 4.22 1.28 3.85
SE MSE B 218 3.18 -0.09 2.98
CE MSE B 218 4.53 -0.74 1.75
N ALA B 219 6.56 3.38 5.61
CA ALA B 219 7.92 3.15 6.06
C ALA B 219 8.00 1.93 6.96
N VAL B 220 9.15 1.29 6.95
CA VAL B 220 9.37 0.11 7.80
C VAL B 220 10.67 0.31 8.57
N VAL B 221 10.61 0.05 9.88
CA VAL B 221 11.77 0.17 10.74
C VAL B 221 12.60 -1.11 10.62
N LYS B 222 13.90 -0.94 10.41
CA LYS B 222 14.82 -2.06 10.27
C LYS B 222 15.00 -2.78 11.60
N SAH C . 6.00 -6.39 -13.71
CA SAH C . 7.14 -6.08 -14.63
CB SAH C . 6.63 -5.71 -15.99
CG SAH C . 5.82 -6.75 -16.74
SD SAH C . 5.07 -5.95 -18.22
C SAH C . 7.89 -4.84 -14.06
O SAH C . 7.45 -4.29 -13.04
OXT SAH C . 8.96 -4.47 -14.68
C5' SAH C . 3.95 -7.22 -18.69
C4' SAH C . 4.72 -8.54 -19.15
O4' SAH C . 3.64 -9.41 -19.45
C3' SAH C . 5.50 -8.45 -20.47
O3' SAH C . 6.88 -8.77 -20.29
C2' SAH C . 4.71 -9.46 -21.39
O2' SAH C . 5.53 -10.07 -22.37
C1' SAH C . 4.13 -10.42 -20.38
N9 SAH C . 3.09 -11.18 -20.79
C8 SAH C . 2.01 -10.94 -21.60
N7 SAH C . 1.19 -11.93 -21.76
C5 SAH C . 1.76 -12.97 -20.98
C6 SAH C . 1.32 -14.33 -20.75
N6 SAH C . 0.22 -14.86 -21.28
N1 SAH C . 2.14 -15.06 -19.93
C2 SAH C . 3.28 -14.57 -19.36
N3 SAH C . 3.73 -13.28 -19.56
C4 SAH C . 2.92 -12.54 -20.38
N SAH D . -7.43 9.44 11.22
CA SAH D . -8.82 10.04 11.30
CB SAH D . -8.86 11.50 11.00
CG SAH D . -8.06 12.42 11.85
SD SAH D . -8.32 14.13 11.24
C SAH D . -9.73 9.34 10.24
O SAH D . -9.23 8.49 9.49
OXT SAH D . -10.96 9.70 10.22
C5' SAH D . -7.02 14.93 12.10
C4' SAH D . -7.27 14.93 13.69
O4' SAH D . -6.10 15.61 14.14
C3' SAH D . -8.42 15.81 14.18
O3' SAH D . -9.37 15.06 14.93
C2' SAH D . -7.66 16.92 15.01
O2' SAH D . -8.43 17.45 16.09
C1' SAH D . -6.40 16.20 15.44
N9 SAH D . -5.36 16.94 15.81
C8 SAH D . -4.82 18.13 15.35
N7 SAH D . -3.77 18.54 15.97
C5 SAH D . -3.55 17.56 16.97
C6 SAH D . -2.53 17.46 17.98
N6 SAH D . -1.55 18.36 18.15
N1 SAH D . -2.62 16.35 18.78
C2 SAH D . -3.60 15.41 18.64
N3 SAH D . -4.59 15.47 17.69
C4 SAH D . -4.50 16.57 16.90
#